data_5MW7
#
_entry.id   5MW7
#
_cell.length_a   46.814
_cell.length_b   77.205
_cell.length_c   96.357
_cell.angle_alpha   90.00
_cell.angle_beta   90.00
_cell.angle_gamma   90.00
#
_symmetry.space_group_name_H-M   'P 21 21 21'
#
loop_
_entity.id
_entity.type
_entity.pdbx_description
1 polymer 'Protein jagged-2'
2 non-polymer alpha-L-fucopyranose
3 water water
#
_entity_poly.entity_id   1
_entity_poly.type   'polypeptide(L)'
_entity_poly.pdbx_seq_one_letter_code
;MGYFELQLSALRNVNGELLSGACCDGDGRTTRAGGCGHDECDTYVRVCLKEYQAKVTPTGPCSYGHGATPVLGGNSFYLP
PAGAAGDRARARARAGGDQDPGLVVIPFQFAWPRSFTLIVEAWDWDNDTTPNEELLIERVSHAGMINPEDRWKSLHFSGH
VAHLELQIRVRCDENYYSATCNKFCRPRNDFFGHYTCDQYGNKACMDGWMGKECKEAVCKQGCNLLHGGCTVPGECRCSY
GWQGRFCDECVPYPGCVHGSCVEPWQCNCETNWGGLLCDKDLNYCGSHHPCTNGGTCINAEPDQYRCTCPDGYSGRNCEK
AEGSHHHHHHHH
;
_entity_poly.pdbx_strand_id   A
#
# COMPACT_ATOMS: atom_id res chain seq x y z
N MET A 1 -3.09 4.12 -12.29
CA MET A 1 -3.91 3.83 -11.10
C MET A 1 -4.94 2.75 -11.39
N GLY A 2 -5.48 2.76 -12.61
CA GLY A 2 -6.47 1.77 -12.99
C GLY A 2 -6.72 1.80 -14.48
N TYR A 3 -7.45 0.78 -14.94
CA TYR A 3 -7.78 0.67 -16.36
C TYR A 3 -9.10 -0.05 -16.53
N PHE A 4 -9.81 0.35 -17.58
CA PHE A 4 -11.08 -0.28 -17.97
C PHE A 4 -10.83 -1.25 -19.11
N GLU A 5 -11.30 -2.48 -18.93
CA GLU A 5 -11.10 -3.54 -19.90
C GLU A 5 -12.38 -3.81 -20.70
N LEU A 6 -12.19 -4.35 -21.90
CA LEU A 6 -13.29 -4.79 -22.74
C LEU A 6 -12.81 -5.98 -23.55
N GLN A 7 -13.49 -7.11 -23.40
CA GLN A 7 -13.12 -8.36 -24.08
C GLN A 7 -14.25 -8.74 -25.03
N LEU A 8 -14.02 -8.53 -26.32
CA LEU A 8 -14.98 -8.95 -27.33
C LEU A 8 -14.85 -10.46 -27.56
N SER A 9 -15.97 -11.16 -27.48
CA SER A 9 -15.99 -12.61 -27.68
C SER A 9 -16.74 -13.05 -28.92
N ALA A 10 -17.73 -12.29 -29.38
CA ALA A 10 -18.50 -12.68 -30.54
C ALA A 10 -19.12 -11.46 -31.20
N LEU A 11 -19.20 -11.50 -32.52
CA LEU A 11 -19.87 -10.47 -33.31
C LEU A 11 -20.51 -11.17 -34.50
N ARG A 12 -21.78 -10.88 -34.76
CA ARG A 12 -22.56 -11.59 -35.78
C ARG A 12 -23.34 -10.61 -36.63
N ASN A 13 -23.01 -10.56 -37.93
CA ASN A 13 -23.74 -9.80 -38.94
C ASN A 13 -23.99 -10.78 -40.08
N VAL A 14 -25.12 -11.48 -40.04
CA VAL A 14 -25.39 -12.52 -41.02
C VAL A 14 -25.65 -11.91 -42.39
N ASN A 15 -26.35 -10.78 -42.43
CA ASN A 15 -26.68 -10.15 -43.71
C ASN A 15 -25.50 -9.41 -44.32
N GLY A 16 -24.46 -9.11 -43.55
CA GLY A 16 -23.34 -8.36 -44.07
C GLY A 16 -23.66 -6.92 -44.42
N GLU A 17 -24.57 -6.29 -43.68
CA GLU A 17 -25.05 -4.95 -43.99
C GLU A 17 -24.34 -3.91 -43.13
N LEU A 18 -24.52 -2.65 -43.52
CA LEU A 18 -24.16 -1.51 -42.70
C LEU A 18 -25.39 -1.05 -41.91
N LEU A 19 -25.17 -0.13 -40.97
CA LEU A 19 -26.30 0.39 -40.21
C LEU A 19 -27.21 1.25 -41.07
N SER A 20 -26.67 1.85 -42.13
CA SER A 20 -27.46 2.67 -43.04
C SER A 20 -28.38 1.83 -43.93
N GLY A 21 -28.42 0.52 -43.77
CA GLY A 21 -29.17 -0.35 -44.64
C GLY A 21 -28.48 -0.71 -45.93
N ALA A 22 -27.33 -0.11 -46.22
CA ALA A 22 -26.58 -0.39 -47.44
C ALA A 22 -25.78 -1.68 -47.25
N CYS A 23 -24.98 -2.02 -48.24
CA CYS A 23 -24.19 -3.25 -48.24
C CYS A 23 -22.71 -2.93 -48.04
N CYS A 24 -22.01 -3.86 -47.39
CA CYS A 24 -20.56 -3.79 -47.36
C CYS A 24 -19.94 -4.02 -48.73
N ASP A 25 -20.72 -4.52 -49.69
CA ASP A 25 -20.29 -4.69 -51.07
C ASP A 25 -19.86 -3.36 -51.67
N CYS A 36 -26.15 -9.31 -48.12
CA CYS A 36 -26.12 -8.89 -49.52
C CYS A 36 -25.38 -9.92 -50.38
N ASP A 39 -17.13 -9.78 -50.71
CA ASP A 39 -18.56 -9.84 -50.43
C ASP A 39 -18.85 -9.76 -48.94
N GLU A 40 -17.80 -9.54 -48.15
CA GLU A 40 -17.92 -9.49 -46.71
C GLU A 40 -17.30 -8.20 -46.17
N CYS A 41 -17.77 -7.78 -45.01
CA CYS A 41 -17.23 -6.62 -44.34
C CYS A 41 -15.87 -6.95 -43.74
N ASP A 42 -15.14 -5.90 -43.36
CA ASP A 42 -13.91 -6.02 -42.58
C ASP A 42 -14.18 -5.28 -41.27
N THR A 43 -14.53 -6.03 -40.23
CA THR A 43 -15.11 -5.47 -39.03
C THR A 43 -14.05 -5.19 -37.99
N TYR A 44 -14.06 -3.95 -37.47
CA TYR A 44 -13.27 -3.58 -36.30
C TYR A 44 -14.17 -2.81 -35.34
N VAL A 45 -13.77 -2.78 -34.07
CA VAL A 45 -14.61 -2.28 -32.99
C VAL A 45 -13.95 -1.06 -32.37
N ARG A 46 -14.74 0.00 -32.18
CA ARG A 46 -14.34 1.17 -31.41
C ARG A 46 -15.01 1.16 -30.05
N VAL A 47 -14.34 1.72 -29.06
CA VAL A 47 -14.85 1.80 -27.69
C VAL A 47 -14.71 3.23 -27.21
N CYS A 48 -15.81 3.80 -26.71
CA CYS A 48 -15.85 5.18 -26.23
C CYS A 48 -16.26 5.18 -24.76
N LEU A 49 -15.38 5.66 -23.90
CA LEU A 49 -15.62 5.75 -22.47
C LEU A 49 -15.73 7.22 -22.10
N LYS A 50 -16.89 7.62 -21.57
CA LYS A 50 -17.16 9.03 -21.32
C LYS A 50 -17.94 9.19 -20.02
N GLU A 51 -18.32 10.44 -19.75
CA GLU A 51 -19.03 10.79 -18.54
C GLU A 51 -20.44 10.21 -18.57
N TYR A 52 -20.86 9.61 -17.46
CA TYR A 52 -22.27 9.30 -17.27
C TYR A 52 -22.98 10.55 -16.77
N GLN A 53 -24.11 10.87 -17.38
CA GLN A 53 -24.81 12.08 -17.01
C GLN A 53 -26.21 11.81 -16.48
N ALA A 54 -27.11 12.76 -16.70
CA ALA A 54 -28.50 12.63 -16.30
C ALA A 54 -29.31 13.44 -17.30
N LYS A 55 -30.16 12.74 -18.08
CA LYS A 55 -31.02 13.34 -19.10
C LYS A 55 -30.24 13.80 -20.33
N VAL A 56 -29.11 14.48 -20.13
CA VAL A 56 -28.32 14.98 -21.25
C VAL A 56 -27.40 13.87 -21.76
N THR A 57 -28.00 12.73 -22.11
CA THR A 57 -27.33 11.56 -22.65
C THR A 57 -26.47 11.80 -23.89
N PRO A 58 -26.71 12.86 -24.72
CA PRO A 58 -25.81 13.07 -25.86
C PRO A 58 -24.92 14.31 -25.79
N THR A 59 -23.62 14.15 -25.44
CA THR A 59 -22.66 15.27 -25.48
C THR A 59 -21.26 14.75 -25.84
N GLY A 60 -21.04 14.59 -27.15
CA GLY A 60 -19.70 14.63 -27.72
C GLY A 60 -18.73 13.51 -27.41
N PRO A 61 -17.62 13.86 -26.75
CA PRO A 61 -16.41 13.05 -26.82
C PRO A 61 -16.26 12.01 -25.71
N CYS A 62 -15.24 11.18 -25.87
CA CYS A 62 -14.90 10.12 -24.92
C CYS A 62 -13.95 10.69 -23.89
N SER A 63 -14.52 11.31 -22.85
CA SER A 63 -13.71 12.03 -21.88
C SER A 63 -12.91 11.09 -20.98
N TYR A 64 -13.42 9.89 -20.71
CA TYR A 64 -12.74 8.94 -19.85
C TYR A 64 -11.79 8.02 -20.60
N GLY A 65 -11.69 8.16 -21.92
CA GLY A 65 -10.78 7.35 -22.72
C GLY A 65 -11.49 6.68 -23.87
N HIS A 66 -10.69 6.09 -24.75
CA HIS A 66 -11.17 5.49 -25.98
C HIS A 66 -10.25 4.36 -26.38
N GLY A 67 -10.77 3.47 -27.24
CA GLY A 67 -10.01 2.34 -27.71
C GLY A 67 -10.52 1.88 -29.06
N ALA A 68 -9.71 1.06 -29.72
CA ALA A 68 -10.05 0.54 -31.04
C ALA A 68 -9.29 -0.75 -31.28
N THR A 69 -9.92 -1.65 -32.02
CA THR A 69 -9.32 -2.91 -32.44
C THR A 69 -9.03 -2.87 -33.94
N PRO A 70 -8.09 -3.68 -34.42
CA PRO A 70 -7.92 -3.83 -35.86
C PRO A 70 -9.04 -4.67 -36.45
N VAL A 71 -8.99 -4.93 -37.76
CA VAL A 71 -9.98 -5.83 -38.37
C VAL A 71 -9.79 -7.21 -37.78
N LEU A 72 -10.87 -7.77 -37.22
CA LEU A 72 -10.81 -9.07 -36.57
C LEU A 72 -11.28 -10.21 -37.47
N GLY A 73 -12.10 -9.92 -38.48
CA GLY A 73 -12.58 -10.94 -39.38
C GLY A 73 -13.52 -10.38 -40.42
N GLY A 74 -14.54 -11.15 -40.78
CA GLY A 74 -15.49 -10.73 -41.80
C GLY A 74 -16.82 -10.29 -41.24
N ASN A 75 -17.90 -10.91 -41.73
CA ASN A 75 -19.23 -10.55 -41.25
C ASN A 75 -19.45 -11.03 -39.82
N SER A 76 -19.18 -12.31 -39.55
CA SER A 76 -19.36 -12.89 -38.24
C SER A 76 -18.10 -13.63 -37.83
N PHE A 77 -17.74 -13.52 -36.55
CA PHE A 77 -16.57 -14.20 -36.01
C PHE A 77 -16.77 -14.40 -34.52
N TYR A 78 -16.02 -15.35 -33.98
CA TYR A 78 -16.06 -15.69 -32.56
C TYR A 78 -14.65 -15.68 -32.01
N LEU A 79 -14.46 -15.02 -30.87
CA LEU A 79 -13.11 -14.92 -30.33
C LEU A 79 -12.90 -15.88 -29.16
N PRO A 80 -11.73 -16.48 -29.04
CA PRO A 80 -11.47 -17.42 -27.94
C PRO A 80 -11.55 -16.71 -26.61
N PRO A 81 -11.71 -17.45 -25.53
CA PRO A 81 -11.47 -16.86 -24.20
C PRO A 81 -10.01 -16.54 -24.00
N ALA A 82 -9.64 -15.97 -22.85
CA ALA A 82 -8.23 -15.71 -22.58
C ALA A 82 -7.72 -16.65 -21.49
N GLY A 83 -7.20 -16.07 -20.42
CA GLY A 83 -6.74 -16.83 -19.28
C GLY A 83 -6.89 -16.05 -18.00
N ALA A 84 -7.37 -16.71 -16.95
CA ALA A 84 -7.53 -16.07 -15.65
C ALA A 84 -6.18 -15.93 -14.97
N ALA A 85 -5.16 -15.51 -15.73
CA ALA A 85 -3.80 -15.30 -15.25
C ALA A 85 -3.02 -14.66 -16.39
N GLY A 86 -2.00 -13.89 -16.03
CA GLY A 86 -1.40 -12.99 -17.00
C GLY A 86 -2.28 -11.81 -17.34
N ASP A 87 -3.40 -11.66 -16.63
CA ASP A 87 -4.35 -10.58 -16.87
C ASP A 87 -3.69 -9.21 -16.77
N ARG A 88 -2.75 -9.06 -15.84
CA ARG A 88 -2.17 -7.74 -15.57
C ARG A 88 -1.06 -7.40 -16.56
N ALA A 89 -0.18 -8.35 -16.85
CA ALA A 89 0.95 -8.11 -17.75
C ALA A 89 0.55 -8.17 -19.22
N ARG A 90 -0.60 -8.73 -19.55
CA ARG A 90 -1.07 -8.76 -20.93
C ARG A 90 -1.66 -7.41 -21.35
N ALA A 91 -2.16 -6.63 -20.40
CA ALA A 91 -2.80 -5.36 -20.70
C ALA A 91 -1.96 -4.15 -20.34
N ARG A 92 -0.89 -4.31 -19.55
CA ARG A 92 -0.19 -3.14 -19.04
C ARG A 92 1.33 -3.31 -19.01
N ALA A 93 1.89 -4.27 -19.74
CA ALA A 93 3.33 -4.47 -19.71
C ALA A 93 3.84 -5.18 -20.96
N ARG A 94 3.55 -4.64 -22.14
CA ARG A 94 4.01 -5.23 -23.39
C ARG A 94 4.44 -4.15 -24.35
N ALA A 95 5.33 -4.50 -25.26
CA ALA A 95 5.84 -3.59 -26.27
C ALA A 95 4.92 -3.57 -27.49
N GLY A 96 5.20 -2.63 -28.40
CA GLY A 96 4.39 -2.40 -29.59
C GLY A 96 3.97 -3.64 -30.35
N GLY A 97 2.77 -3.62 -30.91
CA GLY A 97 2.20 -4.79 -31.53
C GLY A 97 1.61 -5.74 -30.50
N ASP A 98 0.83 -5.21 -29.58
CA ASP A 98 0.19 -6.00 -28.53
C ASP A 98 -0.69 -7.08 -29.16
N GLN A 99 -0.11 -8.25 -29.42
CA GLN A 99 -0.73 -9.26 -30.28
C GLN A 99 -1.95 -9.92 -29.65
N ASP A 100 -2.84 -9.12 -29.08
CA ASP A 100 -4.16 -9.58 -28.64
C ASP A 100 -5.18 -8.51 -28.99
N PRO A 101 -5.74 -8.58 -30.19
CA PRO A 101 -6.89 -7.75 -30.53
C PRO A 101 -8.17 -8.31 -29.93
N GLY A 102 -9.18 -7.46 -29.84
CA GLY A 102 -10.38 -7.76 -29.11
C GLY A 102 -10.32 -7.42 -27.64
N LEU A 103 -9.13 -7.21 -27.10
CA LEU A 103 -8.95 -6.71 -25.74
C LEU A 103 -8.64 -5.22 -25.83
N VAL A 104 -9.58 -4.39 -25.39
CA VAL A 104 -9.42 -2.95 -25.38
C VAL A 104 -9.09 -2.51 -23.96
N VAL A 105 -7.99 -1.76 -23.81
CA VAL A 105 -7.48 -1.34 -22.52
C VAL A 105 -7.52 0.18 -22.47
N ILE A 106 -8.26 0.73 -21.51
CA ILE A 106 -8.37 2.18 -21.33
C ILE A 106 -7.87 2.54 -19.94
N PRO A 107 -6.61 2.88 -19.78
CA PRO A 107 -6.09 3.22 -18.45
C PRO A 107 -6.50 4.63 -18.03
N PHE A 108 -6.58 4.83 -16.73
CA PHE A 108 -6.91 6.13 -16.15
C PHE A 108 -6.04 6.39 -14.94
N GLN A 109 -5.69 7.66 -14.74
CA GLN A 109 -4.89 8.09 -13.60
C GLN A 109 -5.67 9.06 -12.71
N PHE A 110 -7.00 8.95 -12.72
CA PHE A 110 -7.85 9.75 -11.85
C PHE A 110 -8.71 8.84 -10.99
N ALA A 111 -9.42 9.46 -10.06
CA ALA A 111 -10.33 8.71 -9.19
C ALA A 111 -11.48 8.15 -10.02
N TRP A 112 -11.62 6.83 -10.01
CA TRP A 112 -12.65 6.18 -10.80
C TRP A 112 -14.03 6.62 -10.33
N PRO A 113 -14.83 7.28 -11.17
CA PRO A 113 -16.14 7.78 -10.72
C PRO A 113 -17.20 6.71 -10.59
N ARG A 114 -16.89 5.45 -10.93
CA ARG A 114 -17.82 4.33 -10.90
C ARG A 114 -18.92 4.48 -11.95
N SER A 115 -19.65 5.60 -11.94
CA SER A 115 -20.67 5.82 -12.95
C SER A 115 -20.01 6.20 -14.26
N PHE A 116 -20.51 5.62 -15.35
CA PHE A 116 -19.88 5.80 -16.65
C PHE A 116 -20.90 5.53 -17.75
N THR A 117 -20.51 5.87 -18.97
CA THR A 117 -21.32 5.61 -20.17
C THR A 117 -20.43 4.94 -21.20
N LEU A 118 -20.82 3.74 -21.61
CA LEU A 118 -20.04 2.94 -22.55
C LEU A 118 -20.73 2.93 -23.91
N ILE A 119 -20.02 3.35 -24.94
CA ILE A 119 -20.51 3.34 -26.32
C ILE A 119 -19.56 2.47 -27.14
N VAL A 120 -20.10 1.40 -27.72
CA VAL A 120 -19.32 0.43 -28.48
C VAL A 120 -19.86 0.40 -29.90
N GLU A 121 -18.97 0.57 -30.87
CA GLU A 121 -19.34 0.65 -32.28
C GLU A 121 -18.69 -0.48 -33.07
N ALA A 122 -19.32 -0.84 -34.18
CA ALA A 122 -18.77 -1.76 -35.16
C ALA A 122 -18.62 -1.02 -36.47
N TRP A 123 -17.43 -1.10 -37.07
CA TRP A 123 -17.11 -0.34 -38.27
C TRP A 123 -16.63 -1.27 -39.38
N ASP A 124 -16.64 -0.74 -40.60
CA ASP A 124 -16.15 -1.45 -41.78
C ASP A 124 -14.90 -0.76 -42.29
N TRP A 125 -13.81 -1.50 -42.37
CA TRP A 125 -12.58 -0.96 -42.94
C TRP A 125 -12.63 -1.07 -44.46
N ASP A 126 -12.20 0.00 -45.13
CA ASP A 126 -12.36 0.07 -46.57
C ASP A 126 -11.06 0.44 -47.29
N ASN A 127 -10.40 1.50 -46.85
CA ASN A 127 -9.21 2.02 -47.53
C ASN A 127 -8.10 0.98 -47.63
N ASN A 132 -14.51 8.22 -42.97
CA ASN A 132 -15.87 8.14 -43.50
C ASN A 132 -16.79 7.51 -42.47
N GLU A 133 -17.99 8.07 -42.33
CA GLU A 133 -18.93 7.69 -41.28
C GLU A 133 -20.11 6.87 -41.79
N GLU A 134 -20.27 6.70 -43.09
CA GLU A 134 -21.34 5.88 -43.65
C GLU A 134 -20.98 4.40 -43.71
N LEU A 135 -19.94 3.98 -42.97
CA LEU A 135 -19.53 2.59 -42.90
C LEU A 135 -19.68 2.00 -41.50
N LEU A 136 -20.50 2.63 -40.66
CA LEU A 136 -20.76 2.08 -39.33
C LEU A 136 -21.68 0.86 -39.44
N ILE A 137 -21.24 -0.25 -38.85
CA ILE A 137 -22.06 -1.46 -38.86
C ILE A 137 -23.13 -1.38 -37.79
N GLU A 138 -22.74 -1.10 -36.55
CA GLU A 138 -23.66 -1.13 -35.42
C GLU A 138 -23.11 -0.25 -34.31
N ARG A 139 -23.97 0.60 -33.75
CA ARG A 139 -23.62 1.41 -32.60
C ARG A 139 -24.42 0.92 -31.39
N VAL A 140 -23.74 0.80 -30.26
CA VAL A 140 -24.33 0.23 -29.05
C VAL A 140 -23.92 1.09 -27.86
N SER A 141 -24.89 1.37 -26.97
CA SER A 141 -24.65 2.20 -25.81
C SER A 141 -25.15 1.50 -24.55
N HIS A 142 -24.54 1.85 -23.42
CA HIS A 142 -24.94 1.34 -22.11
C HIS A 142 -24.33 2.21 -21.01
N ALA A 143 -25.18 2.89 -20.23
CA ALA A 143 -24.73 3.71 -19.11
C ALA A 143 -25.07 3.01 -17.81
N GLY A 144 -24.10 2.94 -16.91
CA GLY A 144 -24.31 2.29 -15.64
C GLY A 144 -23.19 2.58 -14.67
N MET A 145 -23.14 1.77 -13.62
CA MET A 145 -22.14 1.91 -12.57
C MET A 145 -21.42 0.60 -12.38
N ILE A 146 -20.11 0.68 -12.15
CA ILE A 146 -19.26 -0.49 -11.96
C ILE A 146 -18.13 -0.11 -11.03
N ASN A 147 -17.68 -1.06 -10.24
CA ASN A 147 -16.64 -0.87 -9.24
C ASN A 147 -15.41 -1.70 -9.58
N PRO A 148 -14.22 -1.28 -9.12
CA PRO A 148 -13.01 -2.08 -9.37
C PRO A 148 -13.11 -3.49 -8.81
N GLU A 149 -13.86 -4.34 -9.50
CA GLU A 149 -14.02 -5.74 -9.12
C GLU A 149 -13.21 -6.61 -10.07
N ASP A 150 -12.46 -7.56 -9.52
CA ASP A 150 -11.71 -8.52 -10.32
C ASP A 150 -12.59 -9.64 -10.87
N ARG A 151 -13.80 -9.29 -11.33
CA ARG A 151 -14.75 -10.24 -11.90
C ARG A 151 -15.34 -9.63 -13.16
N TRP A 152 -15.32 -10.40 -14.25
CA TRP A 152 -15.85 -9.90 -15.51
C TRP A 152 -17.37 -9.74 -15.43
N LYS A 153 -17.90 -8.99 -16.39
CA LYS A 153 -19.33 -8.73 -16.47
C LYS A 153 -19.76 -8.80 -17.94
N SER A 154 -20.76 -9.63 -18.21
CA SER A 154 -21.17 -9.90 -19.58
C SER A 154 -22.22 -8.90 -20.04
N LEU A 155 -22.11 -8.48 -21.30
CA LEU A 155 -23.08 -7.59 -21.93
C LEU A 155 -23.37 -8.10 -23.32
N HIS A 156 -24.64 -8.39 -23.61
CA HIS A 156 -25.08 -8.87 -24.91
C HIS A 156 -26.04 -7.87 -25.52
N PHE A 157 -25.98 -7.76 -26.85
CA PHE A 157 -26.79 -6.77 -27.56
C PHE A 157 -27.33 -7.39 -28.84
N SER A 158 -28.39 -6.77 -29.37
CA SER A 158 -29.01 -7.19 -30.63
C SER A 158 -29.56 -5.92 -31.30
N GLY A 159 -28.74 -5.31 -32.15
CA GLY A 159 -29.12 -4.12 -32.85
C GLY A 159 -29.84 -4.42 -34.16
N HIS A 160 -29.99 -3.38 -34.97
CA HIS A 160 -30.66 -3.53 -36.26
C HIS A 160 -29.84 -4.35 -37.26
N VAL A 161 -28.54 -4.50 -37.03
CA VAL A 161 -27.68 -5.18 -37.99
C VAL A 161 -26.90 -6.29 -37.30
N ALA A 162 -26.17 -5.95 -36.24
CA ALA A 162 -25.21 -6.86 -35.62
C ALA A 162 -25.63 -7.26 -34.21
N HIS A 163 -25.07 -8.39 -33.78
CA HIS A 163 -25.24 -8.90 -32.42
C HIS A 163 -23.86 -9.05 -31.80
N LEU A 164 -23.69 -8.52 -30.59
CA LEU A 164 -22.39 -8.45 -29.95
C LEU A 164 -22.47 -9.02 -28.54
N GLU A 165 -21.39 -9.68 -28.12
CA GLU A 165 -21.26 -10.20 -26.77
C GLU A 165 -19.97 -9.66 -26.17
N LEU A 166 -20.09 -8.77 -25.19
CA LEU A 166 -18.96 -8.07 -24.60
C LEU A 166 -18.74 -8.53 -23.16
N GLN A 167 -17.51 -8.32 -22.68
CA GLN A 167 -17.16 -8.57 -21.29
C GLN A 167 -16.31 -7.40 -20.82
N ILE A 168 -16.83 -6.64 -19.84
CA ILE A 168 -16.15 -5.45 -19.34
C ILE A 168 -15.76 -5.68 -17.88
N ARG A 169 -14.78 -4.90 -17.43
CA ARG A 169 -14.28 -4.97 -16.07
C ARG A 169 -13.41 -3.76 -15.79
N VAL A 170 -13.56 -3.19 -14.59
CA VAL A 170 -12.71 -2.10 -14.11
C VAL A 170 -11.72 -2.68 -13.11
N ARG A 171 -10.49 -2.18 -13.14
CA ARG A 171 -9.42 -2.82 -12.40
C ARG A 171 -8.44 -1.77 -11.88
N CYS A 172 -8.15 -1.81 -10.58
CA CYS A 172 -7.11 -0.98 -10.02
C CYS A 172 -5.75 -1.50 -10.44
N ASP A 173 -4.83 -0.58 -10.73
CA ASP A 173 -3.47 -0.98 -11.06
C ASP A 173 -2.79 -1.60 -9.85
N GLU A 174 -1.77 -2.41 -10.12
CA GLU A 174 -0.99 -3.01 -9.06
C GLU A 174 -0.44 -1.94 -8.13
N ASN A 175 -0.51 -2.22 -6.83
CA ASN A 175 -0.16 -1.32 -5.73
C ASN A 175 -1.19 -0.22 -5.50
N TYR A 176 -2.32 -0.27 -6.20
CA TYR A 176 -3.43 0.65 -5.97
C TYR A 176 -4.66 -0.13 -5.55
N TYR A 177 -5.44 0.42 -4.62
CA TYR A 177 -6.49 -0.32 -3.94
C TYR A 177 -7.75 0.55 -3.86
N SER A 178 -8.73 0.06 -3.10
CA SER A 178 -10.02 0.71 -2.86
C SER A 178 -10.89 0.72 -4.12
N ALA A 179 -12.14 1.17 -3.98
CA ALA A 179 -13.09 1.23 -5.08
C ALA A 179 -12.91 2.46 -5.95
N THR A 180 -11.84 3.23 -5.73
CA THR A 180 -11.52 4.37 -6.56
C THR A 180 -10.10 4.32 -7.11
N CYS A 181 -9.33 3.30 -6.75
CA CYS A 181 -7.95 3.11 -7.24
C CYS A 181 -7.07 4.31 -6.91
N ASN A 182 -7.31 4.95 -5.77
CA ASN A 182 -6.49 6.07 -5.32
C ASN A 182 -5.60 5.74 -4.13
N LYS A 183 -5.99 4.79 -3.29
CA LYS A 183 -5.17 4.38 -2.17
C LYS A 183 -3.96 3.61 -2.68
N PHE A 184 -2.76 4.07 -2.30
CA PHE A 184 -1.52 3.50 -2.79
C PHE A 184 -0.83 2.68 -1.70
N CYS A 185 -0.24 1.56 -2.10
CA CYS A 185 0.53 0.72 -1.19
C CYS A 185 1.41 -0.19 -2.02
N ARG A 186 2.73 0.03 -1.95
CA ARG A 186 3.70 -0.82 -2.62
C ARG A 186 4.59 -1.47 -1.59
N PRO A 187 4.83 -2.79 -1.67
CA PRO A 187 5.69 -3.44 -0.68
C PRO A 187 7.09 -2.84 -0.66
N ARG A 188 7.78 -3.04 0.46
CA ARG A 188 9.06 -2.39 0.66
C ARG A 188 9.89 -3.16 1.67
N ASN A 189 11.22 -3.09 1.52
CA ASN A 189 12.15 -3.62 2.50
C ASN A 189 13.49 -2.92 2.37
N ASP A 190 13.58 -1.69 2.87
CA ASP A 190 14.84 -0.97 2.77
C ASP A 190 15.03 0.07 3.88
N PHE A 191 15.66 1.20 3.52
CA PHE A 191 16.05 2.22 4.49
C PHE A 191 14.84 2.84 5.17
N PHE A 192 13.75 3.06 4.42
CA PHE A 192 12.61 3.84 4.90
C PHE A 192 11.45 2.99 5.37
N GLY A 193 11.60 1.67 5.42
CA GLY A 193 10.53 0.83 5.90
C GLY A 193 10.71 -0.64 5.58
N HIS A 194 9.97 -1.50 6.29
CA HIS A 194 10.03 -2.95 6.10
C HIS A 194 8.62 -3.48 6.25
N TYR A 195 7.91 -3.65 5.13
CA TYR A 195 6.51 -4.06 5.20
C TYR A 195 6.06 -4.63 3.87
N THR A 196 4.87 -5.20 3.88
CA THR A 196 4.13 -5.61 2.69
C THR A 196 2.79 -4.88 2.69
N CYS A 197 1.97 -5.17 1.67
CA CYS A 197 0.65 -4.58 1.54
C CYS A 197 -0.39 -5.69 1.51
N ASP A 198 -1.61 -5.36 1.94
CA ASP A 198 -2.63 -6.35 2.19
C ASP A 198 -3.79 -6.18 1.21
N GLN A 199 -4.83 -7.00 1.44
CA GLN A 199 -6.01 -6.98 0.58
C GLN A 199 -6.53 -5.57 0.39
N TYR A 200 -6.69 -4.82 1.48
CA TYR A 200 -7.27 -3.48 1.43
C TYR A 200 -6.22 -2.37 1.33
N GLY A 201 -4.98 -2.69 0.99
CA GLY A 201 -3.98 -1.66 0.76
C GLY A 201 -3.34 -1.07 1.99
N ASN A 202 -3.40 -1.76 3.13
CA ASN A 202 -2.74 -1.30 4.33
C ASN A 202 -1.39 -1.99 4.51
N LYS A 203 -0.50 -1.34 5.23
CA LYS A 203 0.85 -1.87 5.45
C LYS A 203 0.81 -3.01 6.46
N ALA A 204 1.56 -4.07 6.16
CA ALA A 204 1.73 -5.21 7.05
C ALA A 204 3.21 -5.29 7.40
N CYS A 205 3.56 -4.86 8.62
CA CYS A 205 4.96 -4.83 9.02
C CYS A 205 5.55 -6.24 9.04
N MET A 206 6.70 -6.40 8.42
CA MET A 206 7.41 -7.66 8.47
C MET A 206 7.84 -7.96 9.90
N ASP A 207 8.02 -9.25 10.20
CA ASP A 207 8.32 -9.69 11.55
C ASP A 207 9.58 -8.99 12.08
N GLY A 208 9.50 -8.50 13.31
CA GLY A 208 10.55 -7.72 13.90
C GLY A 208 10.39 -6.22 13.77
N TRP A 209 9.34 -5.76 13.09
CA TRP A 209 9.14 -4.35 12.83
C TRP A 209 7.73 -3.93 13.23
N MET A 210 7.59 -2.66 13.57
CA MET A 210 6.33 -2.10 14.06
C MET A 210 6.24 -0.66 13.60
N GLY A 211 5.12 -0.02 13.92
CA GLY A 211 4.97 1.40 13.71
C GLY A 211 4.04 1.73 12.57
N LYS A 212 3.73 3.03 12.47
CA LYS A 212 2.82 3.52 11.44
C LYS A 212 3.40 3.31 10.04
N GLU A 213 4.72 3.38 9.89
CA GLU A 213 5.39 3.14 8.62
C GLU A 213 6.21 1.85 8.63
N CYS A 214 5.99 0.98 9.61
CA CYS A 214 6.79 -0.25 9.77
C CYS A 214 8.27 0.07 9.80
N LYS A 215 8.61 1.21 10.39
CA LYS A 215 9.97 1.73 10.44
C LYS A 215 10.66 1.44 11.76
N GLU A 216 9.92 1.45 12.86
CA GLU A 216 10.47 1.25 14.19
C GLU A 216 10.60 -0.25 14.47
N ALA A 217 11.75 -0.65 15.00
CA ALA A 217 12.06 -2.06 15.19
C ALA A 217 11.64 -2.52 16.59
N VAL A 218 11.50 -3.83 16.75
CA VAL A 218 11.19 -4.43 18.03
C VAL A 218 12.52 -4.86 18.68
N CYS A 219 12.78 -4.36 19.88
CA CYS A 219 14.08 -4.55 20.50
C CYS A 219 14.09 -5.88 21.27
N LYS A 220 15.17 -6.11 22.01
CA LYS A 220 15.27 -7.31 22.83
C LYS A 220 14.14 -7.34 23.85
N GLN A 221 13.59 -8.53 24.08
CA GLN A 221 12.46 -8.67 24.99
C GLN A 221 12.92 -8.46 26.43
N GLY A 222 12.35 -7.47 27.10
CA GLY A 222 12.79 -7.04 28.41
C GLY A 222 13.56 -5.74 28.41
N CYS A 223 13.90 -5.22 27.24
CA CYS A 223 14.64 -3.97 27.13
C CYS A 223 13.76 -2.81 27.59
N ASN A 224 14.20 -2.12 28.64
CA ASN A 224 13.49 -0.94 29.12
C ASN A 224 13.59 0.15 28.07
N LEU A 225 12.53 0.28 27.26
CA LEU A 225 12.54 1.23 26.15
C LEU A 225 12.45 2.68 26.58
N LEU A 226 12.29 2.95 27.88
CA LEU A 226 12.42 4.33 28.35
C LEU A 226 13.85 4.80 28.29
N HIS A 227 14.82 3.88 28.40
CA HIS A 227 16.23 4.23 28.45
C HIS A 227 17.07 3.45 27.46
N GLY A 228 16.46 2.54 26.69
CA GLY A 228 17.19 1.78 25.69
C GLY A 228 16.50 1.87 24.34
N GLY A 229 17.21 1.39 23.32
CA GLY A 229 16.69 1.39 21.97
C GLY A 229 17.37 0.32 21.15
N CYS A 230 17.03 0.29 19.87
CA CYS A 230 17.62 -0.69 18.96
C CYS A 230 17.49 -0.19 17.53
N THR A 231 18.57 -0.37 16.76
CA THR A 231 18.54 -0.11 15.33
C THR A 231 18.15 -1.35 14.55
N VAL A 232 18.59 -2.52 15.00
CA VAL A 232 18.24 -3.80 14.39
C VAL A 232 17.31 -4.54 15.36
N PRO A 233 16.31 -5.27 14.86
CA PRO A 233 15.42 -6.01 15.77
C PRO A 233 16.19 -7.02 16.62
N GLY A 234 15.85 -7.05 17.91
CA GLY A 234 16.49 -7.95 18.84
C GLY A 234 17.61 -7.35 19.66
N GLU A 235 17.97 -6.09 19.41
CA GLU A 235 19.04 -5.44 20.15
C GLU A 235 18.49 -4.76 21.40
N CYS A 236 19.41 -4.22 22.20
CA CYS A 236 19.07 -3.42 23.37
C CYS A 236 20.26 -2.55 23.74
N ARG A 237 20.39 -1.40 23.10
CA ARG A 237 21.50 -0.48 23.31
C ARG A 237 21.03 0.66 24.20
N CYS A 238 21.71 0.86 25.33
CA CYS A 238 21.27 1.82 26.33
C CYS A 238 21.61 3.25 25.91
N SER A 239 20.94 4.20 26.58
CA SER A 239 21.19 5.60 26.37
C SER A 239 22.35 6.05 27.27
N TYR A 240 22.57 7.36 27.36
CA TYR A 240 23.66 7.90 28.17
C TYR A 240 23.21 7.94 29.64
N GLY A 241 23.82 7.10 30.47
CA GLY A 241 23.51 7.06 31.88
C GLY A 241 22.86 5.78 32.34
N TRP A 242 22.53 4.87 31.43
CA TRP A 242 21.92 3.59 31.78
C TRP A 242 22.79 2.46 31.27
N GLN A 243 22.69 1.32 31.94
CA GLN A 243 23.53 0.18 31.61
C GLN A 243 22.74 -1.11 31.80
N GLY A 244 23.37 -2.22 31.48
CA GLY A 244 22.78 -3.53 31.65
C GLY A 244 22.30 -4.12 30.33
N ARG A 245 22.06 -5.43 30.39
CA ARG A 245 21.44 -6.17 29.30
C ARG A 245 20.10 -5.58 28.86
N PHE A 246 19.36 -4.97 29.78
CA PHE A 246 18.03 -4.46 29.47
C PHE A 246 17.90 -2.95 29.65
N CYS A 247 19.00 -2.25 29.97
CA CYS A 247 19.01 -0.80 30.09
C CYS A 247 18.01 -0.32 31.14
N ASP A 248 18.04 -0.98 32.30
CA ASP A 248 17.11 -0.68 33.39
C ASP A 248 17.80 -0.25 34.68
N GLU A 249 19.12 -0.39 34.78
CA GLU A 249 19.87 0.02 35.96
C GLU A 249 20.71 1.25 35.61
N CYS A 250 20.63 2.27 36.45
CA CYS A 250 21.33 3.51 36.20
C CYS A 250 22.83 3.35 36.45
N VAL A 251 23.59 4.26 35.85
CA VAL A 251 25.04 4.34 36.06
C VAL A 251 25.28 5.39 37.15
N PRO A 252 25.75 5.00 38.33
CA PRO A 252 25.95 5.97 39.40
C PRO A 252 27.12 6.89 39.12
N TYR A 253 27.29 7.87 40.00
CA TYR A 253 28.41 8.80 39.91
C TYR A 253 29.71 8.02 40.04
N PRO A 254 30.63 8.13 39.08
CA PRO A 254 31.89 7.38 39.18
C PRO A 254 32.67 7.78 40.43
N GLY A 255 33.03 6.78 41.22
CA GLY A 255 33.63 6.99 42.51
C GLY A 255 32.69 6.74 43.67
N CYS A 256 31.39 6.58 43.40
CA CYS A 256 30.43 6.26 44.46
C CYS A 256 30.83 4.95 45.13
N VAL A 257 30.90 4.98 46.47
CA VAL A 257 31.40 3.83 47.21
C VAL A 257 30.31 3.29 48.13
N HIS A 258 29.83 4.12 49.06
CA HIS A 258 28.74 3.71 49.95
C HIS A 258 27.43 4.40 49.56
N GLY A 259 27.08 4.27 48.29
CA GLY A 259 25.90 4.92 47.75
C GLY A 259 25.28 4.10 46.65
N SER A 260 24.21 4.64 46.07
CA SER A 260 23.50 4.00 44.98
C SER A 260 22.99 5.07 44.04
N CYS A 261 22.29 4.64 42.99
CA CYS A 261 21.60 5.54 42.08
C CYS A 261 20.19 5.03 41.85
N VAL A 262 19.30 5.97 41.52
CA VAL A 262 18.01 5.65 40.91
C VAL A 262 17.90 6.29 39.53
N GLU A 263 18.36 7.53 39.39
CA GLU A 263 18.63 8.20 38.13
C GLU A 263 20.13 8.22 37.87
N PRO A 264 20.55 8.43 36.62
CA PRO A 264 21.99 8.41 36.31
C PRO A 264 22.75 9.50 37.08
N TRP A 265 24.02 9.20 37.38
CA TRP A 265 24.95 10.13 38.00
C TRP A 265 24.51 10.55 39.40
N GLN A 266 23.77 9.68 40.07
CA GLN A 266 23.38 9.90 41.45
C GLN A 266 24.24 9.04 42.37
N CYS A 267 24.56 9.58 43.55
CA CYS A 267 25.33 8.87 44.56
C CYS A 267 24.61 9.02 45.90
N ASN A 268 23.38 8.49 45.95
CA ASN A 268 22.56 8.56 47.15
C ASN A 268 23.18 7.69 48.24
N CYS A 269 23.80 8.33 49.23
CA CYS A 269 24.55 7.61 50.25
C CYS A 269 23.63 6.74 51.09
N GLU A 270 24.24 5.76 51.77
CA GLU A 270 23.50 4.84 52.63
C GLU A 270 23.39 5.43 54.04
N THR A 271 23.13 4.56 55.02
CA THR A 271 22.88 5.01 56.37
C THR A 271 24.16 5.54 57.02
N ASN A 272 24.08 6.73 57.59
CA ASN A 272 25.17 7.38 58.31
C ASN A 272 26.43 7.54 57.47
N TRP A 273 26.29 7.54 56.14
CA TRP A 273 27.38 7.82 55.23
C TRP A 273 27.11 9.12 54.49
N GLY A 274 28.16 9.90 54.24
CA GLY A 274 28.00 11.19 53.62
C GLY A 274 29.10 11.56 52.66
N GLY A 275 29.13 12.82 52.23
CA GLY A 275 30.06 13.28 51.23
C GLY A 275 29.56 13.02 49.82
N LEU A 276 30.33 13.51 48.86
CA LEU A 276 29.96 13.35 47.45
C LEU A 276 29.95 11.88 47.04
N LEU A 277 31.08 11.19 47.23
CA LEU A 277 31.21 9.81 46.83
C LEU A 277 30.77 8.82 47.90
N CYS A 278 30.14 9.32 48.96
CA CYS A 278 29.68 8.47 50.07
C CYS A 278 30.85 7.69 50.68
N ASP A 279 31.96 8.38 50.92
CA ASP A 279 33.15 7.75 51.50
C ASP A 279 33.55 8.39 52.82
N LYS A 280 32.63 9.09 53.47
CA LYS A 280 32.89 9.75 54.75
C LYS A 280 32.00 9.12 55.81
N ASP A 281 32.61 8.67 56.90
CA ASP A 281 31.87 8.03 57.98
C ASP A 281 31.32 9.10 58.92
N LEU A 282 29.99 9.19 59.00
CA LEU A 282 29.33 10.14 59.90
C LEU A 282 29.05 9.54 61.26
N ASN A 283 28.77 8.25 61.33
CA ASN A 283 28.71 7.50 62.58
C ASN A 283 30.00 6.70 62.70
N TYR A 284 31.08 7.41 63.01
CA TYR A 284 32.38 6.77 63.20
C TYR A 284 32.35 5.86 64.41
N CYS A 285 31.66 6.26 65.47
CA CYS A 285 31.78 5.60 66.76
C CYS A 285 30.78 4.48 67.00
N GLY A 286 29.60 4.54 66.41
CA GLY A 286 28.75 3.35 66.49
C GLY A 286 29.20 2.21 65.60
N SER A 287 30.27 2.41 64.83
CA SER A 287 30.88 1.35 64.05
C SER A 287 32.30 1.10 64.56
N HIS A 288 33.26 0.95 63.65
CA HIS A 288 34.65 0.75 64.03
C HIS A 288 35.15 1.97 64.81
N HIS A 289 34.97 1.93 66.13
CA HIS A 289 35.08 3.09 67.01
C HIS A 289 36.46 3.25 67.63
N PRO A 290 36.72 4.36 68.35
CA PRO A 290 38.04 4.57 68.95
C PRO A 290 38.05 4.72 70.47
N CYS A 291 36.90 4.60 71.14
CA CYS A 291 36.80 4.95 72.55
C CYS A 291 37.71 4.09 73.42
N THR A 292 37.96 4.57 74.64
CA THR A 292 38.84 3.92 75.59
C THR A 292 38.17 3.80 76.95
N ASN A 293 38.52 2.72 77.67
CA ASN A 293 38.15 2.52 79.07
C ASN A 293 36.63 2.50 79.28
N GLY A 294 35.88 2.13 78.25
CA GLY A 294 34.43 2.10 78.36
C GLY A 294 33.81 3.44 78.68
N GLY A 295 34.44 4.52 78.24
CA GLY A 295 33.93 5.85 78.48
C GLY A 295 32.71 6.17 77.63
N THR A 296 32.80 7.21 76.80
CA THR A 296 31.67 7.65 75.99
C THR A 296 32.20 8.36 74.76
N CYS A 297 31.94 7.81 73.58
CA CYS A 297 32.22 8.54 72.36
C CYS A 297 30.95 9.17 71.79
N ILE A 298 31.14 10.32 71.14
CA ILE A 298 30.08 11.04 70.44
C ILE A 298 30.58 11.34 69.04
N ASN A 299 29.69 11.22 68.06
CA ASN A 299 30.06 11.50 66.67
C ASN A 299 30.16 13.00 66.44
N ALA A 300 31.25 13.43 65.80
CA ALA A 300 31.53 14.85 65.61
C ALA A 300 32.24 15.01 64.27
N GLU A 301 31.51 15.48 63.25
CA GLU A 301 32.04 15.72 61.91
C GLU A 301 32.38 14.40 61.23
N PRO A 302 32.40 14.35 59.90
CA PRO A 302 32.81 13.11 59.22
C PRO A 302 34.21 12.67 59.64
N ASP A 303 34.35 11.36 59.89
CA ASP A 303 35.63 10.73 60.22
C ASP A 303 36.29 11.38 61.44
N GLN A 304 35.48 11.84 62.39
CA GLN A 304 35.98 12.47 63.61
C GLN A 304 34.93 12.26 64.70
N TYR A 305 35.28 12.63 65.94
CA TYR A 305 34.49 12.23 67.10
C TYR A 305 35.01 12.92 68.36
N ARG A 306 34.37 12.61 69.49
CA ARG A 306 34.88 12.89 70.82
C ARG A 306 34.58 11.69 71.72
N CYS A 307 35.63 11.08 72.29
CA CYS A 307 35.47 10.02 73.28
C CYS A 307 35.90 10.57 74.65
N THR A 308 34.96 10.66 75.58
CA THR A 308 35.26 11.13 76.93
C THR A 308 35.17 9.98 77.94
#